data_6IFQ
#
_entry.id   6IFQ
#
_cell.length_a   157.701
_cell.length_b   42.812
_cell.length_c   73.573
_cell.angle_alpha   90.000
_cell.angle_beta   94.610
_cell.angle_gamma   90.000
#
_symmetry.space_group_name_H-M   'C 1 2 1'
#
loop_
_entity.id
_entity.type
_entity.pdbx_description
1 polymer 'cyclic di nucleotide phoshodiesterase'
2 non-polymer 'CALCIUM ION'
3 water water
#
_entity_poly.entity_id   1
_entity_poly.type   'polypeptide(L)'
_entity_poly.pdbx_seq_one_letter_code
;MHIIPVASDPKTCSSGVNENSLDFDFTMAFQPIVNCRTKEIFGYEALVRGLNNESAYSVISRVNEDNRYLFDQMCRVKAI
ALAAKLGLTSKLSINFLPNAIYVPERCIRTTLEAAKRYQFPIENIMFEFTEAERVEDVNHIKRIVEYYKSLGFQTAIDDF
GSGYSGLNLLADFQTNIVKVDMGLIRNIHADQVRQSIMKNCLKLFSDLNIQPLAEGVESHAEFAWLKAAGVELMQGYYFA
KPGFESLPSVNPEFSEA
;
_entity_poly.pdbx_strand_id   B,A
#
# COMPACT_ATOMS: atom_id res chain seq x y z
N SER A 21 7.06 -21.40 28.01
CA SER A 21 7.30 -21.11 29.42
C SER A 21 8.70 -20.54 29.64
N LEU A 22 8.84 -19.23 29.47
CA LEU A 22 10.14 -18.58 29.62
C LEU A 22 10.10 -17.26 30.40
N ASP A 23 10.30 -16.15 29.71
CA ASP A 23 10.62 -14.86 30.34
C ASP A 23 9.44 -14.13 31.01
N PHE A 24 8.45 -13.76 30.21
CA PHE A 24 7.28 -13.02 30.72
C PHE A 24 5.99 -13.65 30.20
N ASP A 25 4.86 -13.23 30.75
CA ASP A 25 3.60 -13.89 30.42
C ASP A 25 2.50 -12.95 29.91
N PHE A 26 1.49 -13.55 29.31
CA PHE A 26 0.37 -12.86 28.70
C PHE A 26 -0.70 -13.89 28.34
N THR A 27 -1.83 -13.43 27.82
CA THR A 27 -2.90 -14.33 27.40
C THR A 27 -3.54 -13.83 26.10
N MET A 28 -4.73 -14.33 25.81
CA MET A 28 -5.41 -13.96 24.55
C MET A 28 -6.82 -13.43 24.78
N ALA A 29 -7.26 -12.56 23.88
CA ALA A 29 -8.67 -12.22 23.74
C ALA A 29 -9.15 -12.70 22.38
N PHE A 30 -10.46 -12.78 22.18
CA PHE A 30 -10.98 -13.26 20.91
C PHE A 30 -12.09 -12.36 20.41
N GLN A 31 -12.12 -12.14 19.09
CA GLN A 31 -13.12 -11.25 18.51
C GLN A 31 -13.78 -11.90 17.31
N PRO A 32 -15.11 -11.97 17.32
CA PRO A 32 -15.86 -12.68 16.29
C PRO A 32 -15.73 -12.11 14.91
N ILE A 33 -15.68 -13.00 13.92
CA ILE A 33 -15.86 -12.65 12.54
C ILE A 33 -17.20 -13.25 12.12
N VAL A 34 -18.07 -12.39 11.58
CA VAL A 34 -19.45 -12.79 11.27
C VAL A 34 -19.68 -12.91 9.78
N ASN A 35 -20.38 -13.96 9.37
CA ASN A 35 -20.92 -14.04 8.02
C ASN A 35 -22.28 -13.34 8.02
N CYS A 36 -22.36 -12.17 7.37
CA CYS A 36 -23.56 -11.36 7.36
C CYS A 36 -24.68 -11.93 6.46
N ARG A 37 -24.33 -12.85 5.55
CA ARG A 37 -25.33 -13.57 4.77
C ARG A 37 -26.06 -14.67 5.57
N THR A 38 -25.29 -15.51 6.24
CA THR A 38 -25.85 -16.63 7.00
C THR A 38 -26.15 -16.26 8.43
N LYS A 39 -25.71 -15.06 8.84
CA LYS A 39 -25.86 -14.60 10.22
C LYS A 39 -25.18 -15.58 11.19
N GLU A 40 -24.16 -16.29 10.71
CA GLU A 40 -23.41 -17.24 11.53
C GLU A 40 -22.00 -16.73 11.79
N ILE A 41 -21.39 -17.16 12.89
CA ILE A 41 -20.01 -16.76 13.15
C ILE A 41 -19.04 -17.59 12.30
N PHE A 42 -18.20 -16.90 11.55
CA PHE A 42 -17.19 -17.52 10.70
C PHE A 42 -16.04 -18.03 11.55
N GLY A 43 -15.72 -17.28 12.60
CA GLY A 43 -14.60 -17.60 13.48
C GLY A 43 -14.22 -16.41 14.34
N TYR A 44 -13.07 -16.52 15.01
CA TYR A 44 -12.56 -15.49 15.89
C TYR A 44 -11.10 -15.23 15.60
N GLU A 45 -10.71 -13.96 15.66
CA GLU A 45 -9.30 -13.62 15.65
C GLU A 45 -8.78 -13.68 17.07
N ALA A 46 -7.63 -14.32 17.24
CA ALA A 46 -6.90 -14.26 18.51
C ALA A 46 -6.06 -12.96 18.60
N LEU A 47 -6.28 -12.21 19.67
CA LEU A 47 -5.60 -10.94 19.92
C LEU A 47 -4.83 -10.96 21.23
N VAL A 48 -3.54 -10.62 21.17
CA VAL A 48 -2.70 -10.66 22.37
C VAL A 48 -3.13 -9.61 23.39
N ARG A 49 -3.29 -10.04 24.65
CA ARG A 49 -3.55 -9.12 25.74
C ARG A 49 -2.79 -9.56 26.99
N GLY A 50 -2.45 -8.61 27.84
CA GLY A 50 -1.74 -8.89 29.07
C GLY A 50 -2.52 -9.75 30.06
N LEU A 51 -1.82 -10.24 31.08
CA LEU A 51 -2.41 -11.14 32.07
C LEU A 51 -3.65 -10.54 32.73
N ASN A 52 -3.66 -9.21 32.82
CA ASN A 52 -4.87 -8.49 33.21
C ASN A 52 -4.91 -7.17 32.45
N ASN A 53 -3.74 -6.75 31.98
CA ASN A 53 -3.61 -5.58 31.14
C ASN A 53 -4.34 -5.78 29.82
N GLU A 54 -5.15 -4.79 29.43
CA GLU A 54 -6.06 -4.99 28.31
C GLU A 54 -5.47 -4.48 26.99
N SER A 55 -4.18 -4.22 26.96
CA SER A 55 -3.55 -3.66 25.76
C SER A 55 -2.58 -4.56 25.04
N ALA A 56 -2.91 -4.88 23.80
CA ALA A 56 -2.04 -5.65 22.91
C ALA A 56 -0.65 -5.05 22.77
N TYR A 57 -0.60 -3.74 22.52
CA TYR A 57 0.67 -3.05 22.28
C TYR A 57 1.62 -3.20 23.46
N SER A 58 1.08 -3.11 24.67
CA SER A 58 1.88 -3.20 25.90
C SER A 58 2.72 -4.47 25.92
N VAL A 59 2.12 -5.57 25.50
CA VAL A 59 2.79 -6.87 25.50
C VAL A 59 3.81 -7.01 24.39
N ILE A 60 3.40 -6.60 23.19
CA ILE A 60 4.22 -6.78 22.01
C ILE A 60 5.39 -5.79 21.99
N SER A 61 5.30 -4.75 22.81
CA SER A 61 6.40 -3.80 22.94
C SER A 61 7.46 -4.38 23.87
N ARG A 62 7.07 -5.39 24.64
CA ARG A 62 7.98 -6.03 25.59
C ARG A 62 8.76 -7.17 24.92
N VAL A 63 8.47 -7.43 23.65
CA VAL A 63 9.21 -8.44 22.92
C VAL A 63 10.23 -7.77 22.02
N ASN A 64 11.32 -8.47 21.72
CA ASN A 64 12.39 -7.92 20.90
C ASN A 64 12.85 -8.90 19.83
N GLU A 65 13.96 -8.58 19.19
CA GLU A 65 14.46 -9.39 18.08
C GLU A 65 15.04 -10.72 18.56
N ASP A 66 15.63 -10.71 19.76
CA ASP A 66 16.27 -11.90 20.29
C ASP A 66 15.27 -12.96 20.70
N ASN A 67 14.01 -12.60 20.86
CA ASN A 67 13.01 -13.53 21.35
C ASN A 67 11.70 -13.51 20.57
N ARG A 68 11.74 -13.02 19.34
CA ARG A 68 10.53 -12.96 18.52
C ARG A 68 10.05 -14.36 18.18
N TYR A 69 10.98 -15.25 17.87
CA TYR A 69 10.68 -16.63 17.51
C TYR A 69 9.90 -17.34 18.62
N LEU A 70 10.51 -17.45 19.79
CA LEU A 70 9.92 -18.20 20.89
C LEU A 70 8.64 -17.54 21.42
N PHE A 71 8.45 -16.26 21.10
CA PHE A 71 7.21 -15.57 21.44
C PHE A 71 6.09 -15.88 20.46
N ASP A 72 6.45 -15.96 19.19
CA ASP A 72 5.49 -16.22 18.12
C ASP A 72 4.81 -17.58 18.31
N GLN A 73 5.58 -18.57 18.72
CA GLN A 73 5.05 -19.91 18.91
C GLN A 73 4.19 -20.00 20.16
N MET A 74 4.56 -19.26 21.20
CA MET A 74 3.76 -19.24 22.42
C MET A 74 2.40 -18.58 22.16
N CYS A 75 2.36 -17.59 21.27
CA CYS A 75 1.10 -16.97 20.85
C CYS A 75 0.16 -18.01 20.28
N ARG A 76 0.71 -18.81 19.37
CA ARG A 76 -0.06 -19.81 18.67
C ARG A 76 -0.56 -20.86 19.67
N VAL A 77 0.36 -21.42 20.44
CA VAL A 77 0.00 -22.44 21.44
C VAL A 77 -1.08 -21.92 22.38
N LYS A 78 -0.84 -20.76 22.98
CA LYS A 78 -1.83 -20.12 23.85
C LYS A 78 -3.19 -19.94 23.16
N ALA A 79 -3.18 -19.43 21.93
CA ALA A 79 -4.43 -19.14 21.23
C ALA A 79 -5.22 -20.39 20.89
N ILE A 80 -4.52 -21.45 20.49
CA ILE A 80 -5.13 -22.72 20.15
C ILE A 80 -5.68 -23.43 21.38
N ALA A 81 -4.88 -23.46 22.43
CA ALA A 81 -5.28 -24.11 23.67
C ALA A 81 -6.47 -23.39 24.28
N LEU A 82 -6.49 -22.06 24.14
CA LEU A 82 -7.57 -21.26 24.69
C LEU A 82 -8.80 -21.42 23.85
N ALA A 83 -8.61 -21.41 22.53
CA ALA A 83 -9.69 -21.68 21.60
C ALA A 83 -10.37 -22.98 21.99
N ALA A 84 -9.61 -24.06 21.96
CA ALA A 84 -10.12 -25.41 22.26
C ALA A 84 -10.86 -25.49 23.59
N LYS A 85 -10.27 -24.92 24.63
CA LYS A 85 -10.87 -24.99 25.97
C LYS A 85 -12.17 -24.19 26.02
N LEU A 86 -12.28 -23.17 25.18
CA LEU A 86 -13.50 -22.36 25.14
C LEU A 86 -14.57 -23.00 24.26
N GLY A 87 -14.19 -24.05 23.53
CA GLY A 87 -15.14 -24.81 22.74
C GLY A 87 -15.29 -24.30 21.31
N LEU A 88 -14.26 -23.64 20.83
CA LEU A 88 -14.33 -23.03 19.50
C LEU A 88 -14.52 -24.09 18.42
N THR A 89 -15.58 -23.96 17.63
CA THR A 89 -15.87 -24.94 16.59
C THR A 89 -15.76 -24.34 15.19
N SER A 90 -15.51 -23.02 15.10
CA SER A 90 -15.33 -22.39 13.79
C SER A 90 -13.86 -22.08 13.56
N LYS A 91 -13.55 -21.07 12.74
CA LYS A 91 -12.15 -20.82 12.44
C LYS A 91 -11.44 -20.04 13.52
N LEU A 92 -10.16 -20.35 13.69
CA LEU A 92 -9.28 -19.60 14.59
C LEU A 92 -8.34 -18.78 13.70
N SER A 93 -8.32 -17.47 13.91
CA SER A 93 -7.44 -16.63 13.07
C SER A 93 -6.33 -16.00 13.90
N ILE A 94 -5.10 -16.16 13.44
CA ILE A 94 -3.94 -15.76 14.22
C ILE A 94 -3.02 -14.86 13.40
N ASN A 95 -2.61 -13.74 13.99
CA ASN A 95 -1.67 -12.84 13.34
C ASN A 95 -0.29 -13.44 13.23
N PHE A 96 0.25 -13.42 12.02
CA PHE A 96 1.62 -13.86 11.77
C PHE A 96 2.55 -12.65 11.90
N LEU A 97 3.53 -12.77 12.78
CA LEU A 97 4.42 -11.66 13.10
C LEU A 97 5.24 -11.18 11.90
N PRO A 98 5.26 -9.85 11.68
CA PRO A 98 5.99 -9.18 10.59
C PRO A 98 7.45 -9.59 10.47
N ASN A 99 8.05 -10.09 11.55
CA ASN A 99 9.41 -10.61 11.51
C ASN A 99 9.47 -11.85 10.61
N ALA A 100 9.33 -11.62 9.30
CA ALA A 100 9.23 -12.71 8.35
C ALA A 100 10.57 -13.06 7.73
N ILE A 101 11.18 -14.12 8.23
CA ILE A 101 12.39 -14.70 7.67
C ILE A 101 12.51 -16.10 8.28
N TYR A 102 13.72 -16.57 8.58
CA TYR A 102 13.94 -17.89 9.17
C TYR A 102 13.48 -18.99 8.22
N VAL A 103 13.46 -20.22 8.72
CA VAL A 103 13.04 -21.36 7.90
C VAL A 103 11.64 -21.82 8.29
N PRO A 104 10.66 -21.62 7.39
CA PRO A 104 9.28 -22.01 7.67
C PRO A 104 9.12 -23.51 7.80
N GLU A 105 10.05 -24.26 7.23
CA GLU A 105 9.96 -25.72 7.17
C GLU A 105 10.41 -26.41 8.45
N ARG A 106 10.22 -25.76 9.60
CA ARG A 106 10.56 -26.36 10.89
C ARG A 106 9.87 -25.66 12.05
N CYS A 107 9.50 -24.40 11.86
CA CYS A 107 8.82 -23.63 12.89
C CYS A 107 7.35 -23.99 12.94
N ILE A 108 6.90 -24.71 11.92
CA ILE A 108 5.51 -25.07 11.81
C ILE A 108 5.19 -26.35 12.59
N ARG A 109 6.24 -27.10 12.94
CA ARG A 109 6.06 -28.36 13.66
C ARG A 109 5.45 -28.15 15.04
N THR A 110 5.90 -27.11 15.73
CA THR A 110 5.36 -26.75 17.04
C THR A 110 3.88 -26.45 16.95
N THR A 111 3.48 -25.82 15.84
CA THR A 111 2.10 -25.44 15.59
C THR A 111 1.23 -26.65 15.26
N LEU A 112 1.76 -27.55 14.44
CA LEU A 112 1.05 -28.76 14.06
C LEU A 112 0.78 -29.65 15.27
N GLU A 113 1.80 -29.81 16.11
CA GLU A 113 1.68 -30.59 17.35
C GLU A 113 0.61 -30.01 18.27
N ALA A 114 0.61 -28.69 18.41
CA ALA A 114 -0.34 -28.00 19.28
C ALA A 114 -1.77 -28.27 18.84
N ALA A 115 -2.04 -28.03 17.57
CA ALA A 115 -3.33 -28.32 16.98
C ALA A 115 -3.72 -29.78 17.19
N LYS A 116 -2.72 -30.66 17.08
CA LYS A 116 -2.93 -32.09 17.17
C LYS A 116 -3.27 -32.55 18.59
N ARG A 117 -2.72 -31.86 19.60
CA ARG A 117 -3.02 -32.18 20.99
C ARG A 117 -4.47 -31.82 21.30
N TYR A 118 -4.89 -30.65 20.84
CA TYR A 118 -6.23 -30.14 21.16
C TYR A 118 -7.25 -30.52 20.09
N GLN A 119 -6.84 -31.42 19.19
CA GLN A 119 -7.74 -31.93 18.16
C GLN A 119 -8.41 -30.77 17.41
N PHE A 120 -7.60 -29.78 17.08
CA PHE A 120 -8.09 -28.61 16.36
C PHE A 120 -7.58 -28.69 14.92
N PRO A 121 -8.51 -28.80 13.96
CA PRO A 121 -8.19 -29.01 12.55
C PRO A 121 -7.35 -27.88 11.97
N ILE A 122 -6.25 -28.23 11.31
CA ILE A 122 -5.33 -27.26 10.70
C ILE A 122 -6.09 -26.41 9.68
N GLU A 123 -7.05 -27.04 9.01
CA GLU A 123 -7.87 -26.35 8.03
C GLU A 123 -8.79 -25.29 8.66
N ASN A 124 -8.90 -25.31 10.00
CA ASN A 124 -9.71 -24.34 10.73
C ASN A 124 -8.86 -23.20 11.30
N ILE A 125 -7.59 -23.20 10.93
CA ILE A 125 -6.66 -22.18 11.41
C ILE A 125 -6.24 -21.30 10.25
N MET A 126 -6.39 -20.00 10.44
CA MET A 126 -6.03 -19.00 9.44
C MET A 126 -4.96 -18.10 10.01
N PHE A 127 -3.90 -17.88 9.22
CA PHE A 127 -2.86 -16.95 9.61
C PHE A 127 -3.01 -15.66 8.82
N GLU A 128 -2.89 -14.53 9.51
CA GLU A 128 -3.07 -13.21 8.91
C GLU A 128 -1.73 -12.59 8.66
N PHE A 129 -1.44 -12.24 7.41
CA PHE A 129 -0.15 -11.68 7.05
C PHE A 129 -0.20 -10.16 6.89
N THR A 130 0.64 -9.47 7.65
CA THR A 130 0.67 -8.01 7.61
C THR A 130 2.08 -7.48 7.48
N GLU A 131 2.22 -6.24 7.03
CA GLU A 131 3.54 -5.61 6.99
C GLU A 131 3.49 -4.15 7.42
N ALA A 132 4.48 -3.76 8.21
CA ALA A 132 4.62 -2.38 8.66
C ALA A 132 5.95 -1.81 8.19
N GLU A 133 6.74 -2.65 7.53
CA GLU A 133 7.97 -2.20 6.90
C GLU A 133 8.29 -3.08 5.69
N ARG A 134 8.90 -2.48 4.67
CA ARG A 134 9.07 -3.12 3.37
C ARG A 134 10.27 -4.06 3.32
N VAL A 135 10.03 -5.34 3.59
CA VAL A 135 11.12 -6.31 3.65
C VAL A 135 10.94 -7.48 2.66
N GLU A 136 12.07 -7.97 2.17
CA GLU A 136 12.15 -9.24 1.41
C GLU A 136 11.54 -9.23 0.02
N ASP A 137 10.80 -8.16 -0.31
CA ASP A 137 10.19 -7.99 -1.63
C ASP A 137 9.31 -9.17 -2.05
N VAL A 138 8.13 -9.25 -1.43
CA VAL A 138 7.06 -10.16 -1.85
C VAL A 138 7.44 -11.64 -1.93
N ASN A 139 8.47 -11.97 -2.69
CA ASN A 139 8.77 -13.38 -2.99
C ASN A 139 9.04 -14.24 -1.75
N HIS A 140 9.49 -13.62 -0.66
CA HIS A 140 9.74 -14.38 0.56
C HIS A 140 8.47 -14.65 1.34
N ILE A 141 7.72 -13.59 1.64
CA ILE A 141 6.44 -13.72 2.31
C ILE A 141 5.53 -14.59 1.46
N LYS A 142 5.74 -14.53 0.13
CA LYS A 142 5.05 -15.43 -0.80
C LYS A 142 5.37 -16.88 -0.46
N ARG A 143 6.65 -17.16 -0.22
CA ARG A 143 7.08 -18.53 0.11
C ARG A 143 6.47 -19.00 1.43
N ILE A 144 6.28 -18.08 2.37
CA ILE A 144 5.70 -18.46 3.65
C ILE A 144 4.24 -18.80 3.46
N VAL A 145 3.54 -17.95 2.71
CA VAL A 145 2.11 -18.14 2.46
C VAL A 145 1.81 -19.41 1.67
N GLU A 146 2.53 -19.61 0.56
CA GLU A 146 2.32 -20.79 -0.27
C GLU A 146 2.61 -22.07 0.50
N TYR A 147 3.58 -21.99 1.41
CA TYR A 147 3.91 -23.13 2.26
C TYR A 147 2.73 -23.49 3.16
N TYR A 148 2.23 -22.50 3.89
CA TYR A 148 1.15 -22.74 4.84
C TYR A 148 -0.08 -23.31 4.12
N LYS A 149 -0.37 -22.75 2.94
CA LYS A 149 -1.46 -23.26 2.12
C LYS A 149 -1.27 -24.75 1.82
N SER A 150 -0.02 -25.17 1.60
CA SER A 150 0.24 -26.55 1.23
C SER A 150 0.07 -27.49 2.43
N LEU A 151 0.00 -26.92 3.63
CA LEU A 151 -0.23 -27.72 4.82
C LEU A 151 -1.71 -27.65 5.20
N GLY A 152 -2.46 -26.84 4.46
CA GLY A 152 -3.90 -26.79 4.63
C GLY A 152 -4.40 -25.62 5.46
N PHE A 153 -3.49 -24.78 5.93
CA PHE A 153 -3.89 -23.61 6.70
C PHE A 153 -4.64 -22.67 5.79
N GLN A 154 -5.58 -21.91 6.33
CA GLN A 154 -6.13 -20.77 5.61
C GLN A 154 -5.14 -19.61 5.72
N THR A 155 -5.21 -18.64 4.80
CA THR A 155 -4.29 -17.51 4.82
C THR A 155 -5.05 -16.22 4.58
N ALA A 156 -4.58 -15.14 5.19
CA ALA A 156 -5.18 -13.83 4.90
C ALA A 156 -4.14 -12.75 4.82
N ILE A 157 -4.37 -11.79 3.93
CA ILE A 157 -3.67 -10.53 4.03
C ILE A 157 -4.46 -9.60 4.94
N ASP A 158 -3.77 -9.04 5.92
CA ASP A 158 -4.37 -8.17 6.90
C ASP A 158 -4.18 -6.69 6.54
N ASP A 159 -5.06 -5.83 7.07
CA ASP A 159 -4.93 -4.37 6.94
C ASP A 159 -4.69 -3.91 5.51
N PHE A 160 -5.30 -4.60 4.55
CA PHE A 160 -5.17 -4.25 3.15
C PHE A 160 -5.56 -2.79 2.97
N GLY A 161 -4.66 -2.01 2.39
CA GLY A 161 -4.96 -0.63 2.12
C GLY A 161 -4.14 0.31 2.97
N SER A 162 -3.47 -0.23 3.98
CA SER A 162 -2.53 0.59 4.76
C SER A 162 -1.18 -0.11 4.86
N GLY A 163 -0.14 0.66 5.15
CA GLY A 163 1.19 0.11 5.23
C GLY A 163 1.66 -0.46 3.91
N TYR A 164 2.59 -1.40 3.97
CA TYR A 164 3.09 -2.06 2.77
C TYR A 164 2.17 -3.23 2.41
N SER A 165 0.98 -3.22 3.00
CA SER A 165 -0.05 -4.21 2.70
C SER A 165 -0.97 -3.72 1.59
N GLY A 166 -0.51 -3.81 0.35
CA GLY A 166 -1.28 -3.33 -0.78
C GLY A 166 -1.24 -4.22 -1.99
N LEU A 167 -1.35 -3.59 -3.16
CA LEU A 167 -1.52 -4.30 -4.41
C LEU A 167 -0.32 -5.11 -4.87
N ASN A 168 0.87 -4.76 -4.38
CA ASN A 168 2.07 -5.49 -4.73
C ASN A 168 2.02 -6.94 -4.22
N LEU A 169 1.38 -7.12 -3.06
CA LEU A 169 1.22 -8.44 -2.50
C LEU A 169 0.33 -9.26 -3.44
N LEU A 170 -0.87 -8.76 -3.69
CA LEU A 170 -1.84 -9.47 -4.52
C LEU A 170 -1.24 -9.88 -5.86
N ALA A 171 -0.32 -9.07 -6.36
CA ALA A 171 0.25 -9.27 -7.68
C ALA A 171 0.99 -10.61 -7.87
N ASP A 172 1.67 -11.09 -6.84
CA ASP A 172 2.52 -12.29 -7.00
C ASP A 172 1.97 -13.53 -6.30
N PHE A 173 1.02 -13.33 -5.40
CA PHE A 173 0.32 -14.46 -4.78
C PHE A 173 -1.02 -14.01 -4.21
N GLN A 174 -1.88 -14.98 -3.91
CA GLN A 174 -3.22 -14.71 -3.43
C GLN A 174 -3.53 -15.57 -2.21
N THR A 175 -3.97 -14.91 -1.13
CA THR A 175 -4.44 -15.60 0.07
C THR A 175 -5.91 -16.01 -0.12
N ASN A 176 -6.45 -16.86 0.76
CA ASN A 176 -7.89 -17.16 0.70
C ASN A 176 -8.73 -15.90 0.96
N ILE A 177 -8.25 -15.08 1.88
CA ILE A 177 -9.03 -13.95 2.37
C ILE A 177 -8.20 -12.69 2.36
N VAL A 178 -8.83 -11.56 2.05
CA VAL A 178 -8.20 -10.28 2.29
C VAL A 178 -9.01 -9.43 3.27
N LYS A 179 -8.39 -9.05 4.37
CA LYS A 179 -9.04 -8.18 5.33
C LYS A 179 -8.75 -6.71 4.99
N VAL A 180 -9.79 -6.02 4.54
CA VAL A 180 -9.72 -4.62 4.18
C VAL A 180 -9.64 -3.74 5.42
N ASP A 181 -8.64 -2.87 5.44
CA ASP A 181 -8.37 -1.97 6.55
C ASP A 181 -9.54 -1.06 6.90
N MET A 182 -9.67 -0.77 8.19
CA MET A 182 -10.81 -0.03 8.69
C MET A 182 -10.86 1.39 8.13
N GLY A 183 -9.69 1.93 7.75
CA GLY A 183 -9.57 3.26 7.16
C GLY A 183 -10.37 3.36 5.88
N LEU A 184 -10.41 2.28 5.11
CA LEU A 184 -11.24 2.24 3.90
C LEU A 184 -12.72 1.94 4.18
N ILE A 185 -13.01 1.43 5.37
CA ILE A 185 -14.38 1.06 5.71
C ILE A 185 -15.12 2.23 6.34
N ARG A 186 -14.37 3.11 7.01
CA ARG A 186 -15.00 4.09 7.90
C ARG A 186 -15.90 5.05 7.15
N ASN A 187 -17.16 5.05 7.58
CA ASN A 187 -18.22 5.91 7.07
C ASN A 187 -18.49 5.72 5.59
N ILE A 188 -18.24 4.51 5.10
CA ILE A 188 -18.28 4.29 3.65
C ILE A 188 -19.69 4.49 3.05
N HIS A 189 -20.74 4.33 3.85
CA HIS A 189 -22.11 4.57 3.39
C HIS A 189 -22.37 5.99 2.83
N ALA A 190 -21.50 6.95 3.16
CA ALA A 190 -21.66 8.31 2.64
C ALA A 190 -20.35 8.95 2.17
N ASP A 191 -19.39 8.11 1.78
CA ASP A 191 -18.11 8.57 1.27
C ASP A 191 -17.91 8.00 -0.13
N GLN A 192 -18.20 8.81 -1.14
CA GLN A 192 -18.23 8.34 -2.53
C GLN A 192 -16.90 7.79 -2.99
N VAL A 193 -15.81 8.40 -2.53
CA VAL A 193 -14.48 7.94 -2.90
C VAL A 193 -14.24 6.57 -2.27
N ARG A 194 -14.60 6.41 -1.00
CA ARG A 194 -14.38 5.11 -0.37
C ARG A 194 -15.29 4.07 -1.04
N GLN A 195 -16.45 4.50 -1.49
CA GLN A 195 -17.36 3.61 -2.20
C GLN A 195 -16.78 3.10 -3.51
N SER A 196 -16.23 4.00 -4.32
CA SER A 196 -15.54 3.61 -5.55
C SER A 196 -14.36 2.69 -5.29
N ILE A 197 -13.55 3.01 -4.28
CA ILE A 197 -12.40 2.16 -3.94
C ILE A 197 -12.86 0.74 -3.62
N MET A 198 -13.87 0.66 -2.78
CA MET A 198 -14.32 -0.64 -2.31
C MET A 198 -14.98 -1.42 -3.44
N LYS A 199 -15.82 -0.73 -4.22
CA LYS A 199 -16.48 -1.36 -5.35
C LYS A 199 -15.50 -1.98 -6.35
N ASN A 200 -14.41 -1.25 -6.62
CA ASN A 200 -13.44 -1.74 -7.58
C ASN A 200 -12.51 -2.81 -6.98
N CYS A 201 -12.19 -2.67 -5.71
CA CYS A 201 -11.39 -3.67 -5.02
C CYS A 201 -12.16 -4.98 -4.87
N LEU A 202 -13.48 -4.89 -4.70
CA LEU A 202 -14.31 -6.10 -4.55
C LEU A 202 -14.35 -6.84 -5.87
N LYS A 203 -14.39 -6.10 -6.99
CA LYS A 203 -14.31 -6.70 -8.31
C LYS A 203 -12.98 -7.40 -8.47
N LEU A 204 -11.92 -6.74 -8.03
CA LEU A 204 -10.57 -7.28 -8.16
C LEU A 204 -10.47 -8.60 -7.34
N PHE A 205 -10.96 -8.56 -6.12
CA PHE A 205 -10.94 -9.71 -5.20
C PHE A 205 -11.65 -10.89 -5.85
N SER A 206 -12.77 -10.62 -6.50
CA SER A 206 -13.52 -11.69 -7.14
C SER A 206 -12.76 -12.28 -8.30
N ASP A 207 -12.20 -11.42 -9.15
CA ASP A 207 -11.39 -11.87 -10.26
C ASP A 207 -10.23 -12.73 -9.78
N LEU A 208 -9.73 -12.44 -8.58
CA LEU A 208 -8.57 -13.16 -8.06
C LEU A 208 -8.94 -14.38 -7.19
N ASN A 209 -10.23 -14.71 -7.14
CA ASN A 209 -10.78 -15.75 -6.26
C ASN A 209 -10.39 -15.54 -4.77
N ILE A 210 -10.53 -14.31 -4.30
CA ILE A 210 -10.19 -13.96 -2.94
C ILE A 210 -11.46 -13.51 -2.24
N GLN A 211 -11.65 -13.98 -1.02
CA GLN A 211 -12.81 -13.57 -0.25
C GLN A 211 -12.55 -12.31 0.58
N PRO A 212 -13.40 -11.28 0.41
CA PRO A 212 -13.22 -10.08 1.21
C PRO A 212 -13.68 -10.23 2.66
N LEU A 213 -12.99 -9.54 3.58
CA LEU A 213 -13.38 -9.36 4.97
C LEU A 213 -13.21 -7.88 5.40
N ALA A 214 -14.31 -7.25 5.79
CA ALA A 214 -14.23 -5.85 6.23
C ALA A 214 -14.05 -5.74 7.73
N GLU A 215 -12.94 -5.12 8.15
CA GLU A 215 -12.74 -4.96 9.58
C GLU A 215 -13.04 -3.54 10.04
N GLY A 216 -13.07 -3.38 11.36
CA GLY A 216 -13.36 -2.12 12.02
C GLY A 216 -14.75 -1.56 11.74
N VAL A 217 -15.68 -2.43 11.41
CA VAL A 217 -17.08 -2.01 11.24
C VAL A 217 -17.63 -1.54 12.60
N GLU A 218 -18.06 -0.28 12.67
CA GLU A 218 -18.42 0.36 13.93
C GLU A 218 -19.89 0.72 14.02
N SER A 219 -20.58 0.74 12.88
CA SER A 219 -21.97 1.20 12.88
C SER A 219 -22.81 0.41 11.90
N HIS A 220 -24.11 0.34 12.19
CA HIS A 220 -25.07 -0.28 11.28
C HIS A 220 -24.99 0.29 9.88
N ALA A 221 -24.77 1.60 9.77
CA ALA A 221 -24.70 2.28 8.48
C ALA A 221 -23.62 1.68 7.58
N GLU A 222 -22.43 1.49 8.13
CA GLU A 222 -21.33 0.86 7.39
C GLU A 222 -21.68 -0.56 6.99
N PHE A 223 -22.21 -1.30 7.95
CA PHE A 223 -22.59 -2.68 7.78
C PHE A 223 -23.52 -2.88 6.59
N ALA A 224 -24.63 -2.15 6.60
CA ALA A 224 -25.65 -2.30 5.56
C ALA A 224 -25.09 -1.98 4.17
N TRP A 225 -24.23 -0.97 4.08
CA TRP A 225 -23.65 -0.66 2.77
C TRP A 225 -22.73 -1.78 2.30
N LEU A 226 -21.77 -2.16 3.15
CA LEU A 226 -20.85 -3.24 2.85
C LEU A 226 -21.58 -4.53 2.51
N LYS A 227 -22.71 -4.77 3.17
CA LYS A 227 -23.48 -6.00 2.93
C LYS A 227 -24.12 -5.92 1.54
N ALA A 228 -24.67 -4.74 1.23
CA ALA A 228 -25.23 -4.51 -0.11
C ALA A 228 -24.15 -4.60 -1.19
N ALA A 229 -22.95 -4.14 -0.88
CA ALA A 229 -21.88 -4.10 -1.88
C ALA A 229 -21.39 -5.52 -2.19
N GLY A 230 -21.71 -6.45 -1.30
CA GLY A 230 -21.41 -7.85 -1.51
C GLY A 230 -20.44 -8.47 -0.50
N VAL A 231 -20.10 -7.73 0.53
CA VAL A 231 -19.21 -8.27 1.54
C VAL A 231 -20.00 -9.18 2.49
N GLU A 232 -19.48 -10.38 2.73
CA GLU A 232 -20.11 -11.29 3.69
C GLU A 232 -19.39 -11.31 5.04
N LEU A 233 -18.08 -11.51 5.05
CA LEU A 233 -17.33 -11.55 6.32
C LEU A 233 -17.05 -10.16 6.84
N MET A 234 -17.45 -9.88 8.08
CA MET A 234 -17.09 -8.62 8.72
C MET A 234 -16.62 -8.82 10.15
N GLN A 235 -15.89 -7.82 10.65
CA GLN A 235 -15.37 -7.83 12.00
C GLN A 235 -15.42 -6.42 12.55
N GLY A 236 -15.74 -6.26 13.81
CA GLY A 236 -15.75 -4.95 14.43
C GLY A 236 -16.68 -4.75 15.60
N TYR A 237 -16.51 -3.60 16.24
CA TYR A 237 -17.25 -3.23 17.43
C TYR A 237 -18.76 -3.27 17.23
N TYR A 238 -19.22 -3.02 16.02
CA TYR A 238 -20.65 -3.11 15.76
C TYR A 238 -21.16 -4.52 16.10
N PHE A 239 -20.35 -5.52 15.80
CA PHE A 239 -20.70 -6.90 16.09
C PHE A 239 -20.33 -7.28 17.51
N ALA A 240 -19.04 -7.19 17.83
CA ALA A 240 -18.59 -7.42 19.20
C ALA A 240 -17.13 -7.06 19.41
N LYS A 241 -16.87 -6.42 20.55
CA LYS A 241 -15.53 -6.14 21.04
C LYS A 241 -14.77 -7.42 21.34
N PRO A 242 -13.44 -7.35 21.42
CA PRO A 242 -12.68 -8.53 21.81
C PRO A 242 -12.96 -8.90 23.26
N GLY A 243 -13.27 -10.17 23.50
CA GLY A 243 -13.52 -10.63 24.85
C GLY A 243 -12.27 -11.22 25.47
N PHE A 244 -11.93 -10.74 26.67
CA PHE A 244 -10.82 -11.28 27.41
C PHE A 244 -11.04 -12.76 27.74
N GLU A 245 -10.12 -13.61 27.25
CA GLU A 245 -10.16 -15.06 27.47
C GLU A 245 -11.56 -15.65 27.32
N SER A 246 -12.30 -15.13 26.34
CA SER A 246 -13.66 -15.58 26.09
C SER A 246 -14.03 -15.38 24.63
N LEU A 247 -15.11 -16.05 24.22
CA LEU A 247 -15.65 -15.89 22.89
C LEU A 247 -16.92 -15.07 23.00
N PRO A 248 -16.85 -13.80 22.57
CA PRO A 248 -17.99 -12.88 22.66
C PRO A 248 -19.17 -13.30 21.79
N SER A 249 -20.37 -13.22 22.33
CA SER A 249 -21.58 -13.33 21.52
C SER A 249 -21.74 -12.07 20.66
N VAL A 250 -22.40 -12.22 19.52
CA VAL A 250 -22.56 -11.12 18.60
C VAL A 250 -23.86 -10.36 18.81
N ASN A 251 -23.76 -9.03 18.74
CA ASN A 251 -24.88 -8.10 18.72
C ASN A 251 -26.18 -8.65 18.15
N PRO A 252 -27.19 -8.81 19.00
CA PRO A 252 -28.53 -9.27 18.60
C PRO A 252 -29.21 -8.34 17.59
N GLU A 253 -28.71 -7.12 17.43
CA GLU A 253 -29.27 -6.12 16.51
C GLU A 253 -29.32 -6.62 15.06
N PHE A 254 -28.44 -7.56 14.74
CA PHE A 254 -28.32 -8.03 13.37
C PHE A 254 -28.66 -9.52 13.27
N SER A 255 -28.61 -10.21 14.42
CA SER A 255 -28.79 -11.65 14.44
C SER A 255 -30.26 -12.05 14.52
N GLU A 256 -31.15 -11.08 14.73
CA GLU A 256 -32.57 -11.36 14.91
C GLU A 256 -33.37 -11.34 13.60
N ALA A 257 -33.01 -10.45 12.70
CA ALA A 257 -33.76 -10.26 11.46
C ALA A 257 -33.71 -11.50 10.58
N SER B 21 22.11 27.41 3.62
CA SER B 21 23.23 27.22 2.70
C SER B 21 24.21 26.20 3.25
N LEU B 22 24.36 25.06 2.56
CA LEU B 22 25.21 23.98 3.05
C LEU B 22 26.12 23.36 1.98
N ASP B 23 26.38 22.05 2.13
CA ASP B 23 27.57 21.42 1.53
C ASP B 23 27.45 20.93 0.08
N PHE B 24 27.75 19.64 -0.11
CA PHE B 24 27.95 19.00 -1.42
C PHE B 24 27.02 19.43 -2.56
N ASP B 25 27.51 19.38 -3.79
CA ASP B 25 26.74 19.79 -4.96
C ASP B 25 26.27 18.58 -5.77
N PHE B 26 25.40 18.83 -6.75
CA PHE B 26 24.86 17.79 -7.62
C PHE B 26 24.19 18.41 -8.84
N THR B 27 23.59 17.58 -9.69
CA THR B 27 22.91 18.06 -10.90
C THR B 27 21.67 17.21 -11.17
N MET B 28 21.11 17.33 -12.36
CA MET B 28 19.87 16.62 -12.69
C MET B 28 19.94 15.83 -14.00
N ALA B 29 19.07 14.84 -14.12
CA ALA B 29 18.83 14.18 -15.40
C ALA B 29 17.34 14.22 -15.71
N PHE B 30 16.97 13.90 -16.96
CA PHE B 30 15.58 14.02 -17.37
C PHE B 30 15.10 12.85 -18.22
N GLN B 31 13.89 12.38 -17.93
CA GLN B 31 13.28 11.26 -18.63
C GLN B 31 11.88 11.66 -19.09
N PRO B 32 11.58 11.49 -20.38
CA PRO B 32 10.30 11.99 -20.89
C PRO B 32 9.12 11.07 -20.52
N ILE B 33 7.97 11.70 -20.34
CA ILE B 33 6.69 11.01 -20.18
C ILE B 33 5.93 11.16 -21.48
N VAL B 34 5.43 10.07 -22.05
CA VAL B 34 4.80 10.21 -23.36
C VAL B 34 3.29 10.09 -23.24
N ASN B 35 2.57 10.82 -24.07
CA ASN B 35 1.11 10.63 -24.13
C ASN B 35 0.81 9.85 -25.39
N CYS B 36 0.41 8.58 -25.23
CA CYS B 36 0.25 7.68 -26.36
C CYS B 36 -1.05 7.88 -27.12
N ARG B 37 -1.96 8.67 -26.59
CA ARG B 37 -3.20 8.91 -27.31
C ARG B 37 -2.98 10.04 -28.32
N THR B 38 -2.38 11.13 -27.85
CA THR B 38 -2.10 12.27 -28.71
C THR B 38 -0.72 12.17 -29.37
N LYS B 39 0.03 11.13 -29.02
CA LYS B 39 1.39 10.91 -29.52
C LYS B 39 2.33 12.10 -29.25
N GLU B 40 2.03 12.86 -28.19
CA GLU B 40 2.83 14.01 -27.80
C GLU B 40 3.60 13.73 -26.52
N ILE B 41 4.76 14.37 -26.37
CA ILE B 41 5.51 14.28 -25.11
C ILE B 41 4.80 15.08 -24.03
N PHE B 42 4.48 14.43 -22.92
CA PHE B 42 3.77 15.10 -21.84
C PHE B 42 4.70 16.00 -21.05
N GLY B 43 5.91 15.52 -20.81
CA GLY B 43 6.87 16.29 -20.03
C GLY B 43 8.01 15.40 -19.56
N TYR B 44 8.80 15.90 -18.62
CA TYR B 44 9.96 15.17 -18.16
C TYR B 44 10.02 15.13 -16.65
N GLU B 45 10.42 13.98 -16.12
CA GLU B 45 10.72 13.87 -14.70
C GLU B 45 12.16 14.25 -14.46
N ALA B 46 12.40 15.09 -13.45
CA ALA B 46 13.76 15.43 -13.04
C ALA B 46 14.29 14.37 -12.06
N LEU B 47 15.47 13.83 -12.36
CA LEU B 47 16.10 12.81 -11.52
C LEU B 47 17.48 13.26 -11.04
N VAL B 48 17.75 13.08 -9.75
CA VAL B 48 18.99 13.56 -9.15
C VAL B 48 20.19 12.74 -9.59
N ARG B 49 21.23 13.46 -10.01
CA ARG B 49 22.51 12.86 -10.37
C ARG B 49 23.63 13.69 -9.78
N GLY B 50 24.71 13.04 -9.36
CA GLY B 50 25.85 13.75 -8.84
C GLY B 50 26.62 14.42 -9.96
N LEU B 51 27.56 15.29 -9.62
CA LEU B 51 28.48 15.85 -10.60
C LEU B 51 29.17 14.68 -11.27
N ASN B 52 29.47 13.67 -10.46
CA ASN B 52 29.90 12.37 -10.94
C ASN B 52 28.96 11.90 -12.03
N ASN B 53 29.44 11.96 -13.26
CA ASN B 53 28.64 12.04 -14.48
C ASN B 53 27.43 11.13 -14.68
N GLU B 54 26.95 10.47 -13.62
CA GLU B 54 25.71 9.69 -13.66
C GLU B 54 25.45 8.97 -12.34
N SER B 55 25.72 9.64 -11.21
CA SER B 55 25.67 8.96 -9.92
C SER B 55 24.37 9.15 -9.14
N ALA B 56 23.47 8.17 -9.27
CA ALA B 56 22.24 8.17 -8.48
C ALA B 56 22.44 7.40 -7.17
N TYR B 57 21.49 7.54 -6.25
CA TYR B 57 21.54 6.92 -4.92
C TYR B 57 22.66 7.46 -4.02
N SER B 58 23.83 7.69 -4.61
CA SER B 58 24.96 8.21 -3.87
C SER B 58 24.68 9.59 -3.29
N VAL B 59 24.04 10.44 -4.08
CA VAL B 59 23.69 11.79 -3.64
C VAL B 59 22.66 11.75 -2.53
N ILE B 60 21.63 10.93 -2.72
CA ILE B 60 20.50 10.90 -1.80
C ILE B 60 20.87 10.31 -0.44
N SER B 61 22.01 9.62 -0.38
CA SER B 61 22.47 9.02 0.88
C SER B 61 23.10 10.10 1.76
N ARG B 62 23.69 11.11 1.13
CA ARG B 62 24.43 12.14 1.85
C ARG B 62 23.51 13.10 2.59
N VAL B 63 22.23 13.07 2.25
CA VAL B 63 21.25 13.91 2.93
C VAL B 63 20.96 13.31 4.31
N ASN B 64 20.72 14.17 5.29
CA ASN B 64 20.45 13.74 6.65
C ASN B 64 19.32 14.57 7.25
N GLU B 65 19.03 14.35 8.52
CA GLU B 65 17.91 15.02 9.18
C GLU B 65 18.10 16.54 9.25
N ASP B 66 19.35 17.00 9.25
CA ASP B 66 19.64 18.41 9.45
C ASP B 66 19.55 19.23 8.17
N ASN B 67 19.62 18.58 7.01
CA ASN B 67 19.56 19.30 5.74
C ASN B 67 18.60 18.70 4.72
N ARG B 68 17.60 17.95 5.19
CA ARG B 68 16.58 17.40 4.30
C ARG B 68 15.71 18.52 3.71
N TYR B 69 15.65 19.64 4.41
CA TYR B 69 14.91 20.83 3.96
C TYR B 69 15.75 21.65 2.99
N LEU B 70 17.04 21.78 3.30
CA LEU B 70 17.96 22.57 2.49
C LEU B 70 18.33 21.85 1.21
N PHE B 71 18.22 20.52 1.23
CA PHE B 71 18.50 19.72 0.05
C PHE B 71 17.26 19.63 -0.83
N ASP B 72 16.11 19.70 -0.20
CA ASP B 72 14.83 19.65 -0.89
C ASP B 72 14.70 20.81 -1.88
N GLN B 73 14.88 22.02 -1.38
CA GLN B 73 14.77 23.22 -2.21
C GLN B 73 15.80 23.22 -3.34
N MET B 74 17.01 22.76 -3.01
CA MET B 74 18.11 22.76 -3.97
C MET B 74 17.78 21.96 -5.22
N CYS B 75 17.13 20.81 -5.03
CA CYS B 75 16.71 19.95 -6.15
C CYS B 75 15.70 20.62 -7.06
N ARG B 76 14.75 21.34 -6.47
CA ARG B 76 13.72 22.01 -7.23
C ARG B 76 14.30 23.12 -8.09
N VAL B 77 15.13 23.96 -7.48
CA VAL B 77 15.70 25.10 -8.21
C VAL B 77 16.58 24.61 -9.36
N LYS B 78 17.51 23.71 -9.05
CA LYS B 78 18.36 23.09 -10.06
C LYS B 78 17.53 22.52 -11.22
N ALA B 79 16.46 21.81 -10.89
CA ALA B 79 15.58 21.21 -11.90
C ALA B 79 14.96 22.28 -12.80
N ILE B 80 14.44 23.34 -12.20
CA ILE B 80 13.77 24.38 -12.97
C ILE B 80 14.79 25.16 -13.83
N ALA B 81 15.94 25.51 -13.26
CA ALA B 81 16.97 26.25 -13.97
C ALA B 81 17.52 25.47 -15.17
N LEU B 82 17.76 24.19 -14.95
CA LEU B 82 18.26 23.31 -16.00
C LEU B 82 17.22 23.12 -17.10
N ALA B 83 16.01 22.74 -16.69
CA ALA B 83 14.91 22.57 -17.64
C ALA B 83 14.79 23.84 -18.50
N ALA B 84 14.90 24.99 -17.84
CA ALA B 84 14.78 26.28 -18.49
C ALA B 84 15.87 26.49 -19.54
N LYS B 85 17.10 26.12 -19.18
CA LYS B 85 18.24 26.25 -20.08
C LYS B 85 18.06 25.39 -21.32
N LEU B 86 17.45 24.21 -21.12
CA LEU B 86 17.29 23.22 -22.16
C LEU B 86 16.06 23.46 -23.03
N GLY B 87 15.28 24.49 -22.68
CA GLY B 87 14.15 24.91 -23.48
C GLY B 87 12.93 24.03 -23.37
N LEU B 88 12.75 23.43 -22.18
CA LEU B 88 11.59 22.60 -21.96
C LEU B 88 10.32 23.41 -22.09
N THR B 89 9.44 22.95 -22.97
CA THR B 89 8.19 23.62 -23.26
C THR B 89 7.00 22.88 -22.64
N SER B 90 7.23 21.68 -22.11
CA SER B 90 6.13 20.92 -21.52
C SER B 90 6.30 20.75 -20.01
N LYS B 91 5.72 19.69 -19.46
CA LYS B 91 5.67 19.58 -18.01
C LYS B 91 7.02 19.21 -17.41
N LEU B 92 7.27 19.73 -16.22
CA LEU B 92 8.46 19.38 -15.46
C LEU B 92 8.00 18.73 -14.17
N SER B 93 8.31 17.44 -14.00
CA SER B 93 7.82 16.70 -12.83
C SER B 93 8.93 16.48 -11.81
N ILE B 94 8.65 16.82 -10.56
CA ILE B 94 9.67 16.85 -9.52
C ILE B 94 9.25 16.01 -8.33
N ASN B 95 10.12 15.10 -7.90
CA ASN B 95 9.85 14.26 -6.73
C ASN B 95 9.90 15.02 -5.42
N PHE B 96 8.76 15.14 -4.75
CA PHE B 96 8.76 15.65 -3.39
C PHE B 96 9.34 14.58 -2.46
N LEU B 97 10.42 14.93 -1.78
CA LEU B 97 11.04 14.06 -0.77
C LEU B 97 9.97 13.60 0.22
N PRO B 98 10.11 12.38 0.76
CA PRO B 98 9.11 11.74 1.62
C PRO B 98 8.62 12.60 2.80
N ASN B 99 8.42 13.89 2.55
CA ASN B 99 7.95 14.84 3.55
C ASN B 99 8.68 14.72 4.88
N ALA B 100 9.97 14.45 4.80
CA ALA B 100 10.84 14.46 5.96
C ALA B 100 11.14 15.91 6.31
N ILE B 101 10.77 16.79 5.39
CA ILE B 101 10.94 18.22 5.56
C ILE B 101 9.87 18.81 6.47
N TYR B 102 8.66 18.27 6.36
CA TYR B 102 7.49 18.80 7.07
C TYR B 102 7.30 20.28 6.72
N VAL B 103 7.17 20.56 5.42
CA VAL B 103 7.11 21.92 4.91
C VAL B 103 5.95 22.73 5.47
N PRO B 104 6.26 23.75 6.29
CA PRO B 104 5.22 24.70 6.70
C PRO B 104 4.73 25.43 5.46
N GLU B 105 3.42 25.39 5.22
CA GLU B 105 2.84 25.92 3.98
C GLU B 105 3.12 27.41 3.79
N ARG B 106 4.40 27.74 3.63
CA ARG B 106 4.84 29.12 3.46
C ARG B 106 6.29 29.15 2.97
N CYS B 107 7.00 28.04 3.13
CA CYS B 107 8.38 27.93 2.67
C CYS B 107 8.44 27.38 1.24
N ILE B 108 7.37 27.62 0.49
CA ILE B 108 7.34 27.29 -0.93
C ILE B 108 7.91 28.47 -1.73
N ARG B 109 8.38 29.48 -0.99
CA ARG B 109 8.97 30.67 -1.58
C ARG B 109 10.05 30.37 -2.61
N THR B 110 10.92 29.42 -2.28
CA THR B 110 12.10 29.16 -3.10
C THR B 110 11.71 28.64 -4.47
N THR B 111 10.73 27.74 -4.50
CA THR B 111 10.26 27.18 -5.75
C THR B 111 9.54 28.22 -6.60
N LEU B 112 8.69 29.01 -5.97
CA LEU B 112 7.90 30.02 -6.66
C LEU B 112 8.81 31.07 -7.29
N GLU B 113 9.83 31.48 -6.55
CA GLU B 113 10.76 32.50 -7.03
C GLU B 113 11.61 31.95 -8.16
N ALA B 114 11.96 30.67 -8.06
CA ALA B 114 12.77 30.02 -9.09
C ALA B 114 12.02 29.95 -10.41
N ALA B 115 10.74 29.56 -10.33
CA ALA B 115 9.90 29.48 -11.52
C ALA B 115 9.72 30.86 -12.17
N LYS B 116 9.48 31.86 -11.32
CA LYS B 116 9.32 33.22 -11.80
C LYS B 116 10.59 33.72 -12.49
N ARG B 117 11.72 33.65 -11.80
CA ARG B 117 13.00 34.10 -12.30
C ARG B 117 13.39 33.44 -13.63
N TYR B 118 13.18 32.13 -13.72
CA TYR B 118 13.51 31.38 -14.94
C TYR B 118 12.32 31.25 -15.90
N GLN B 119 11.28 32.05 -15.67
CA GLN B 119 10.11 32.12 -16.55
C GLN B 119 9.60 30.73 -16.93
N PHE B 120 9.39 29.92 -15.90
CA PHE B 120 8.82 28.60 -16.08
C PHE B 120 7.46 28.63 -15.40
N PRO B 121 6.40 28.43 -16.18
CA PRO B 121 5.03 28.57 -15.65
C PRO B 121 4.71 27.51 -14.59
N ILE B 122 4.12 28.00 -13.51
CA ILE B 122 3.90 27.20 -12.32
C ILE B 122 2.95 26.03 -12.58
N GLU B 123 2.05 26.18 -13.54
CA GLU B 123 1.09 25.12 -13.86
C GLU B 123 1.72 24.00 -14.68
N ASN B 124 2.91 24.24 -15.21
CA ASN B 124 3.65 23.24 -15.96
C ASN B 124 4.58 22.46 -15.05
N ILE B 125 4.48 22.72 -13.75
CA ILE B 125 5.32 22.00 -12.79
C ILE B 125 4.50 21.01 -11.97
N MET B 126 4.92 19.74 -11.96
CA MET B 126 4.19 18.70 -11.24
C MET B 126 5.03 18.14 -10.10
N PHE B 127 4.41 17.98 -8.94
CA PHE B 127 5.10 17.38 -7.82
C PHE B 127 4.63 15.94 -7.59
N GLU B 128 5.59 15.04 -7.40
CA GLU B 128 5.31 13.63 -7.18
C GLU B 128 5.51 13.26 -5.73
N PHE B 129 4.45 12.84 -5.08
CA PHE B 129 4.52 12.46 -3.68
C PHE B 129 4.67 10.96 -3.57
N THR B 130 5.82 10.50 -3.11
CA THR B 130 6.10 9.07 -3.06
C THR B 130 5.75 8.45 -1.71
N GLU B 131 6.74 7.85 -1.06
CA GLU B 131 6.53 7.10 0.18
C GLU B 131 5.99 7.95 1.33
N ALA B 132 4.67 8.13 1.37
CA ALA B 132 4.02 8.79 2.50
C ALA B 132 4.06 7.89 3.73
N GLU B 133 5.24 7.79 4.34
CA GLU B 133 5.49 6.88 5.45
C GLU B 133 4.55 7.11 6.63
N ARG B 134 4.02 6.01 7.17
CA ARG B 134 3.06 6.01 8.29
C ARG B 134 1.78 6.79 7.94
N VAL B 135 0.78 6.70 8.80
CA VAL B 135 -0.42 7.51 8.64
C VAL B 135 -0.12 8.99 8.93
N GLU B 136 0.81 9.57 8.16
CA GLU B 136 1.33 10.93 8.31
C GLU B 136 0.33 11.96 8.83
N ASP B 137 -0.17 11.74 10.05
CA ASP B 137 -1.29 12.52 10.61
C ASP B 137 -2.34 12.76 9.53
N VAL B 138 -2.56 11.72 8.70
CA VAL B 138 -3.26 11.79 7.40
C VAL B 138 -3.22 13.14 6.70
N ASN B 139 -3.68 14.19 7.39
CA ASN B 139 -3.80 15.51 6.80
C ASN B 139 -2.48 16.19 6.46
N HIS B 140 -1.35 15.72 7.01
CA HIS B 140 -0.08 16.38 6.76
C HIS B 140 0.28 16.37 5.28
N ILE B 141 0.45 15.18 4.71
CA ILE B 141 0.68 15.05 3.28
C ILE B 141 -0.53 15.55 2.50
N LYS B 142 -1.72 15.35 3.08
CA LYS B 142 -2.96 15.84 2.48
C LYS B 142 -2.96 17.37 2.39
N ARG B 143 -2.64 18.06 3.49
CA ARG B 143 -2.59 19.52 3.51
C ARG B 143 -1.63 20.05 2.44
N ILE B 144 -0.44 19.48 2.43
CA ILE B 144 0.62 19.90 1.52
C ILE B 144 0.23 19.68 0.05
N VAL B 145 -0.36 18.54 -0.25
CA VAL B 145 -0.86 18.28 -1.60
C VAL B 145 -1.97 19.28 -1.96
N GLU B 146 -2.88 19.52 -1.02
CA GLU B 146 -3.97 20.47 -1.24
C GLU B 146 -3.45 21.90 -1.40
N TYR B 147 -2.39 22.24 -0.67
CA TYR B 147 -1.81 23.58 -0.74
C TYR B 147 -1.13 23.84 -2.10
N TYR B 148 -0.44 22.83 -2.62
CA TYR B 148 0.28 22.97 -3.88
C TYR B 148 -0.69 23.11 -5.06
N LYS B 149 -1.80 22.42 -4.98
CA LYS B 149 -2.86 22.49 -5.97
C LYS B 149 -3.51 23.88 -5.97
N SER B 150 -3.65 24.45 -4.78
CA SER B 150 -4.30 25.74 -4.66
C SER B 150 -3.41 26.81 -5.26
N LEU B 151 -2.12 26.52 -5.34
CA LEU B 151 -1.16 27.46 -5.92
C LEU B 151 -1.06 27.28 -7.42
N GLY B 152 -1.58 26.16 -7.94
CA GLY B 152 -1.61 25.92 -9.36
C GLY B 152 -0.72 24.79 -9.87
N PHE B 153 0.09 24.22 -8.99
CA PHE B 153 0.95 23.08 -9.32
C PHE B 153 0.15 21.86 -9.73
N GLN B 154 0.74 20.97 -10.52
CA GLN B 154 0.18 19.63 -10.71
C GLN B 154 0.71 18.73 -9.62
N THR B 155 -0.03 17.66 -9.33
CA THR B 155 0.40 16.74 -8.30
C THR B 155 0.27 15.31 -8.77
N ALA B 156 1.12 14.44 -8.25
CA ALA B 156 1.07 13.03 -8.58
C ALA B 156 1.43 12.20 -7.37
N ILE B 157 0.73 11.08 -7.24
CA ILE B 157 1.16 10.04 -6.32
C ILE B 157 2.08 9.12 -7.08
N ASP B 158 3.26 8.89 -6.51
CA ASP B 158 4.28 8.10 -7.15
C ASP B 158 4.33 6.67 -6.62
N ASP B 159 4.78 5.75 -7.45
CA ASP B 159 5.00 4.36 -7.04
C ASP B 159 3.75 3.70 -6.46
N PHE B 160 2.59 4.07 -7.00
CA PHE B 160 1.34 3.49 -6.56
C PHE B 160 1.37 1.97 -6.67
N GLY B 161 1.20 1.31 -5.53
CA GLY B 161 1.15 -0.14 -5.50
C GLY B 161 2.41 -0.76 -4.94
N SER B 162 3.29 0.05 -4.36
CA SER B 162 4.56 -0.47 -3.85
C SER B 162 4.80 -0.17 -2.38
N GLY B 163 4.97 1.11 -2.07
CA GLY B 163 5.30 1.53 -0.71
C GLY B 163 4.06 1.91 0.05
N TYR B 164 4.20 2.85 0.96
CA TYR B 164 3.06 3.41 1.68
C TYR B 164 2.16 4.16 0.71
N SER B 165 2.65 4.33 -0.52
CA SER B 165 1.89 4.84 -1.64
C SER B 165 0.84 3.81 -2.07
N GLY B 166 -0.36 3.95 -1.52
CA GLY B 166 -1.42 2.99 -1.71
C GLY B 166 -2.82 3.56 -1.56
N LEU B 167 -3.77 2.69 -1.28
CA LEU B 167 -5.19 3.02 -1.33
C LEU B 167 -5.64 3.93 -0.21
N ASN B 168 -5.01 3.80 0.96
CA ASN B 168 -5.27 4.67 2.11
C ASN B 168 -5.13 6.15 1.76
N LEU B 169 -4.14 6.47 0.92
CA LEU B 169 -3.90 7.83 0.44
C LEU B 169 -5.03 8.30 -0.46
N LEU B 170 -5.26 7.53 -1.53
CA LEU B 170 -6.35 7.80 -2.47
C LEU B 170 -7.69 8.04 -1.80
N ALA B 171 -7.92 7.39 -0.66
CA ALA B 171 -9.17 7.53 0.08
C ALA B 171 -9.44 8.95 0.60
N ASP B 172 -8.40 9.64 1.04
CA ASP B 172 -8.59 10.95 1.67
C ASP B 172 -8.22 12.16 0.81
N PHE B 173 -7.53 11.94 -0.28
CA PHE B 173 -7.23 13.05 -1.21
C PHE B 173 -6.81 12.47 -2.55
N GLN B 174 -7.02 13.24 -3.60
CA GLN B 174 -6.77 12.76 -4.95
C GLN B 174 -5.86 13.75 -5.71
N THR B 175 -4.78 13.22 -6.28
CA THR B 175 -3.87 14.01 -7.13
C THR B 175 -4.38 14.04 -8.56
N ASN B 176 -3.76 14.85 -9.42
CA ASN B 176 -4.15 14.88 -10.82
C ASN B 176 -3.80 13.56 -11.51
N ILE B 177 -2.66 13.02 -11.11
CA ILE B 177 -2.10 11.86 -11.78
C ILE B 177 -1.70 10.84 -10.73
N VAL B 178 -1.80 9.56 -11.07
CA VAL B 178 -1.22 8.51 -10.25
C VAL B 178 -0.27 7.70 -11.11
N LYS B 179 0.99 7.69 -10.71
CA LYS B 179 2.00 6.90 -11.37
C LYS B 179 1.98 5.51 -10.76
N VAL B 180 1.64 4.54 -11.60
CA VAL B 180 1.58 3.15 -11.17
C VAL B 180 2.97 2.53 -11.22
N ASP B 181 3.36 1.94 -10.09
CA ASP B 181 4.66 1.30 -9.91
C ASP B 181 4.99 0.28 -11.00
N MET B 182 6.25 0.24 -11.42
CA MET B 182 6.63 -0.59 -12.54
C MET B 182 6.48 -2.08 -12.24
N GLY B 183 6.40 -2.44 -10.96
CA GLY B 183 6.19 -3.81 -10.55
C GLY B 183 4.85 -4.36 -11.02
N LEU B 184 3.83 -3.54 -10.93
CA LEU B 184 2.50 -3.87 -11.46
C LEU B 184 2.46 -3.90 -12.98
N ILE B 185 3.49 -3.33 -13.61
CA ILE B 185 3.50 -3.15 -15.05
C ILE B 185 4.31 -4.25 -15.72
N ARG B 186 5.35 -4.72 -15.02
CA ARG B 186 6.30 -5.65 -15.60
C ARG B 186 5.61 -6.87 -16.21
N ASN B 187 5.83 -7.05 -17.51
CA ASN B 187 5.32 -8.20 -18.25
C ASN B 187 3.79 -8.33 -18.14
N ILE B 188 3.07 -7.21 -18.12
CA ILE B 188 1.65 -7.25 -17.83
C ILE B 188 0.85 -7.88 -18.99
N HIS B 189 1.41 -7.80 -20.18
CA HIS B 189 0.80 -8.49 -21.31
C HIS B 189 0.74 -10.02 -21.06
N ALA B 190 1.56 -10.51 -20.14
CA ALA B 190 1.73 -11.95 -19.91
C ALA B 190 1.10 -12.45 -18.61
N ASP B 191 0.70 -11.52 -17.75
CA ASP B 191 0.37 -11.80 -16.37
C ASP B 191 -1.09 -11.48 -16.06
N GLN B 192 -1.91 -12.52 -15.99
CA GLN B 192 -3.36 -12.36 -15.94
C GLN B 192 -3.82 -11.74 -14.62
N VAL B 193 -3.08 -12.00 -13.55
CA VAL B 193 -3.36 -11.36 -12.27
C VAL B 193 -3.03 -9.86 -12.37
N ARG B 194 -1.86 -9.54 -12.91
CA ARG B 194 -1.48 -8.13 -13.03
C ARG B 194 -2.49 -7.39 -13.92
N GLN B 195 -3.03 -8.12 -14.90
CA GLN B 195 -4.04 -7.60 -15.78
C GLN B 195 -5.33 -7.23 -15.05
N SER B 196 -5.81 -8.11 -14.16
CA SER B 196 -7.02 -7.80 -13.40
C SER B 196 -6.82 -6.62 -12.48
N ILE B 197 -5.64 -6.59 -11.84
CA ILE B 197 -5.26 -5.48 -10.96
C ILE B 197 -5.34 -4.14 -11.68
N MET B 198 -4.76 -4.09 -12.88
CA MET B 198 -4.72 -2.87 -13.66
C MET B 198 -6.11 -2.56 -14.20
N LYS B 199 -6.82 -3.56 -14.71
CA LYS B 199 -8.18 -3.34 -15.19
C LYS B 199 -9.08 -2.75 -14.11
N ASN B 200 -8.96 -3.25 -12.88
CA ASN B 200 -9.79 -2.72 -11.81
C ASN B 200 -9.26 -1.39 -11.24
N CYS B 201 -7.94 -1.19 -11.22
CA CYS B 201 -7.40 0.10 -10.80
C CYS B 201 -7.68 1.21 -11.82
N LEU B 202 -7.69 0.87 -13.11
CA LEU B 202 -7.90 1.91 -14.13
C LEU B 202 -9.34 2.42 -14.00
N LYS B 203 -10.27 1.50 -13.76
CA LYS B 203 -11.67 1.87 -13.52
C LYS B 203 -11.79 2.77 -12.29
N LEU B 204 -11.05 2.42 -11.24
CA LEU B 204 -11.00 3.22 -10.02
C LEU B 204 -10.51 4.62 -10.33
N PHE B 205 -9.33 4.71 -10.93
CA PHE B 205 -8.76 6.01 -11.28
C PHE B 205 -9.76 6.85 -12.06
N SER B 206 -10.46 6.20 -12.99
CA SER B 206 -11.44 6.90 -13.80
C SER B 206 -12.61 7.42 -12.95
N ASP B 207 -13.10 6.59 -12.00
CA ASP B 207 -14.15 7.02 -11.08
C ASP B 207 -13.73 8.23 -10.28
N LEU B 208 -12.45 8.29 -9.95
CA LEU B 208 -11.91 9.34 -9.11
C LEU B 208 -11.43 10.51 -9.96
N ASN B 209 -11.66 10.43 -11.26
CA ASN B 209 -11.15 11.43 -12.22
C ASN B 209 -9.65 11.68 -12.02
N ILE B 210 -8.88 10.60 -12.03
CA ILE B 210 -7.43 10.65 -11.92
C ILE B 210 -6.82 10.07 -13.18
N GLN B 211 -5.82 10.75 -13.74
CA GLN B 211 -5.17 10.23 -14.94
C GLN B 211 -4.06 9.26 -14.53
N PRO B 212 -4.13 8.02 -15.03
CA PRO B 212 -3.04 7.09 -14.70
C PRO B 212 -1.78 7.31 -15.55
N LEU B 213 -0.64 6.96 -14.98
CA LEU B 213 0.65 7.02 -15.67
C LEU B 213 1.38 5.71 -15.39
N ALA B 214 1.66 4.92 -16.43
CA ALA B 214 2.39 3.67 -16.26
C ALA B 214 3.91 3.90 -16.27
N GLU B 215 4.57 3.55 -15.17
CA GLU B 215 6.00 3.73 -15.03
C GLU B 215 6.76 2.46 -15.43
N GLY B 216 8.00 2.60 -15.88
CA GLY B 216 8.87 1.46 -16.13
C GLY B 216 8.51 0.57 -17.31
N VAL B 217 7.77 1.12 -18.26
CA VAL B 217 7.42 0.39 -19.47
C VAL B 217 8.70 0.09 -20.25
N GLU B 218 9.01 -1.20 -20.39
CA GLU B 218 10.29 -1.61 -20.95
C GLU B 218 10.18 -2.17 -22.36
N SER B 219 9.02 -2.75 -22.68
CA SER B 219 8.89 -3.43 -23.97
C SER B 219 7.66 -2.96 -24.71
N HIS B 220 7.66 -3.16 -26.03
CA HIS B 220 6.48 -2.92 -26.86
C HIS B 220 5.26 -3.65 -26.30
N ALA B 221 5.45 -4.93 -25.99
CA ALA B 221 4.36 -5.79 -25.54
C ALA B 221 3.58 -5.17 -24.38
N GLU B 222 4.32 -4.66 -23.40
CA GLU B 222 3.74 -3.97 -22.27
C GLU B 222 2.99 -2.72 -22.73
N PHE B 223 3.60 -1.99 -23.67
CA PHE B 223 3.02 -0.73 -24.13
C PHE B 223 1.67 -0.96 -24.82
N ALA B 224 1.64 -1.93 -25.73
CA ALA B 224 0.42 -2.30 -26.46
C ALA B 224 -0.73 -2.67 -25.53
N TRP B 225 -0.43 -3.46 -24.50
CA TRP B 225 -1.50 -3.86 -23.59
C TRP B 225 -2.00 -2.66 -22.79
N LEU B 226 -1.07 -1.98 -22.12
CA LEU B 226 -1.41 -0.76 -21.38
C LEU B 226 -2.15 0.24 -22.26
N LYS B 227 -1.70 0.43 -23.49
CA LYS B 227 -2.41 1.36 -24.39
C LYS B 227 -3.83 0.87 -24.63
N ALA B 228 -3.98 -0.42 -24.90
CA ALA B 228 -5.29 -1.01 -25.20
C ALA B 228 -6.22 -1.00 -23.98
N ALA B 229 -5.66 -0.96 -22.78
CA ALA B 229 -6.47 -0.89 -21.55
C ALA B 229 -6.93 0.54 -21.21
N GLY B 230 -6.46 1.51 -21.99
CA GLY B 230 -6.88 2.89 -21.83
C GLY B 230 -5.83 3.82 -21.23
N VAL B 231 -4.65 3.29 -20.93
CA VAL B 231 -3.62 4.12 -20.35
C VAL B 231 -3.09 5.02 -21.45
N GLU B 232 -2.97 6.32 -21.17
CA GLU B 232 -2.41 7.27 -22.15
C GLU B 232 -0.99 7.70 -21.79
N LEU B 233 -0.82 8.17 -20.56
CA LEU B 233 0.50 8.62 -20.11
C LEU B 233 1.41 7.46 -19.72
N MET B 234 2.64 7.44 -20.26
CA MET B 234 3.57 6.34 -19.94
C MET B 234 5.01 6.81 -19.85
N GLN B 235 5.85 6.05 -19.15
CA GLN B 235 7.26 6.39 -18.93
C GLN B 235 8.13 5.13 -18.80
N GLY B 236 9.32 5.13 -19.41
CA GLY B 236 10.23 4.01 -19.24
C GLY B 236 11.28 3.86 -20.31
N TYR B 237 12.14 2.85 -20.16
CA TYR B 237 13.21 2.56 -21.13
C TYR B 237 12.69 2.35 -22.55
N TYR B 238 11.50 1.76 -22.69
CA TYR B 238 10.91 1.55 -24.02
C TYR B 238 10.86 2.83 -24.82
N PHE B 239 10.57 3.94 -24.16
CA PHE B 239 10.44 5.22 -24.83
C PHE B 239 11.79 5.90 -24.88
N ALA B 240 12.39 6.08 -23.71
CA ALA B 240 13.71 6.69 -23.63
C ALA B 240 14.27 6.62 -22.22
N LYS B 241 15.57 6.38 -22.16
CA LYS B 241 16.33 6.37 -20.92
C LYS B 241 16.47 7.79 -20.37
N PRO B 242 16.82 7.92 -19.08
CA PRO B 242 17.10 9.25 -18.52
C PRO B 242 18.38 9.86 -19.10
N GLY B 243 18.27 11.10 -19.59
CA GLY B 243 19.41 11.76 -20.22
C GLY B 243 20.09 12.75 -19.28
N PHE B 244 21.39 12.56 -19.10
CA PHE B 244 22.17 13.42 -18.23
C PHE B 244 22.21 14.86 -18.74
N GLU B 245 21.62 15.76 -17.96
CA GLU B 245 21.57 17.19 -18.27
C GLU B 245 21.04 17.44 -19.67
N SER B 246 20.08 16.62 -20.09
CA SER B 246 19.55 16.71 -21.44
C SER B 246 18.09 16.26 -21.50
N LEU B 247 17.43 16.60 -22.60
CA LEU B 247 16.05 16.20 -22.82
C LEU B 247 16.00 15.16 -23.93
N PRO B 248 15.95 13.87 -23.55
CA PRO B 248 16.00 12.78 -24.51
C PRO B 248 14.79 12.76 -25.44
N SER B 249 15.04 12.54 -26.72
CA SER B 249 13.96 12.34 -27.69
C SER B 249 13.41 10.93 -27.54
N VAL B 250 12.26 10.67 -28.15
CA VAL B 250 11.52 9.44 -27.90
C VAL B 250 11.51 8.50 -29.09
N ASN B 251 11.70 7.22 -28.81
CA ASN B 251 11.51 6.16 -29.80
C ASN B 251 10.10 6.24 -30.37
N PRO B 252 9.99 6.51 -31.68
CA PRO B 252 8.68 6.69 -32.32
C PRO B 252 8.02 5.38 -32.76
N GLU B 253 8.39 4.26 -32.15
CA GLU B 253 7.78 2.98 -32.51
C GLU B 253 6.29 2.98 -32.17
N PHE B 254 5.94 3.69 -31.10
CA PHE B 254 4.56 3.81 -30.65
C PHE B 254 3.74 4.74 -31.54
N SER B 255 4.35 5.22 -32.62
CA SER B 255 3.74 6.19 -33.55
C SER B 255 2.28 5.89 -33.86
N GLU B 256 2.04 4.72 -34.43
CA GLU B 256 0.68 4.28 -34.75
C GLU B 256 0.27 3.08 -33.90
N ALA B 257 1.24 2.46 -33.25
CA ALA B 257 1.02 1.27 -32.45
C ALA B 257 0.06 1.53 -31.29
#